data_6H1W
#
_entry.id   6H1W
#
_cell.length_a   80.899
_cell.length_b   80.899
_cell.length_c   178.950
_cell.angle_alpha   90.000
_cell.angle_beta   90.000
_cell.angle_gamma   90.000
#
_symmetry.space_group_name_H-M   'P 43 21 2'
#
_entity_poly.entity_id   1
_entity_poly.type   'polypeptide(L)'
_entity_poly.pdbx_seq_one_letter_code
;(MSE)KVRDL(MSE)DKNFAKIYVDETVEDAINLLKKKKRFSAPIVDKEDRLVGWVTTLELLGISEKDFKKPITEF
(MSE)RPVEEVITVYEDDEARNVVLKFVKYKVVSIPVLTRDGRVIG(MSE)VRNCDVVKTLAKLYEIPVYKIFKELHNHI
GDISWEEL(MSE)EAAAVVTKR(MSE)TGEDITPQEYEERIKKTTFGKAIWACGGLEKFFVGLIEIG(MSE)VALARKLA
KRRKGG
;
_entity_poly.pdbx_strand_id   A,B
#
# COMPACT_ATOMS: atom_id res chain seq x y z
N LYS A 2 -15.43 6.09 -1.46
CA LYS A 2 -16.16 5.28 -2.41
C LYS A 2 -15.24 4.83 -3.54
N VAL A 3 -15.73 3.85 -4.31
CA VAL A 3 -15.06 3.44 -5.55
C VAL A 3 -14.87 4.62 -6.48
N ARG A 4 -15.79 5.60 -6.42
CA ARG A 4 -15.65 6.83 -7.17
C ARG A 4 -14.27 7.47 -6.98
N ASP A 5 -13.77 7.46 -5.75
CA ASP A 5 -12.48 8.09 -5.45
C ASP A 5 -11.29 7.23 -5.82
N LEU A 6 -11.50 5.94 -6.11
CA LEU A 6 -10.40 5.03 -6.46
C LEU A 6 -10.31 4.75 -7.94
N ASP A 8 -10.23 4.57 -12.08
CA ASP A 8 -9.56 5.31 -13.15
C ASP A 8 -10.44 5.27 -14.39
N LYS A 9 -10.74 6.45 -14.94
CA LYS A 9 -11.57 6.55 -16.13
C LYS A 9 -10.77 6.36 -17.42
N ASN A 10 -9.44 6.37 -17.33
CA ASN A 10 -8.57 6.13 -18.47
C ASN A 10 -8.09 4.68 -18.38
N PHE A 11 -8.72 3.81 -19.17
CA PHE A 11 -8.38 2.40 -19.17
C PHE A 11 -8.52 1.86 -20.58
N ALA A 12 -8.12 0.59 -20.74
CA ALA A 12 -8.18 -0.08 -22.04
C ALA A 12 -9.51 -0.81 -22.15
N LYS A 13 -10.36 -0.36 -23.05
CA LYS A 13 -11.66 -0.98 -23.28
C LYS A 13 -11.67 -1.58 -24.69
N ILE A 14 -11.95 -2.87 -24.78
CA ILE A 14 -11.93 -3.61 -26.04
C ILE A 14 -13.36 -3.96 -26.42
N TYR A 15 -13.69 -3.76 -27.69
CA TYR A 15 -15.02 -4.09 -28.17
C TYR A 15 -15.06 -5.51 -28.72
N VAL A 16 -16.26 -6.10 -28.71
CA VAL A 16 -16.44 -7.50 -29.06
C VAL A 16 -16.09 -7.80 -30.51
N ASP A 17 -16.11 -6.80 -31.39
CA ASP A 17 -15.81 -7.02 -32.80
C ASP A 17 -14.34 -6.78 -33.14
N GLU A 18 -13.54 -6.30 -32.20
CA GLU A 18 -12.13 -6.06 -32.47
C GLU A 18 -11.36 -7.38 -32.56
N THR A 19 -10.13 -7.30 -33.02
CA THR A 19 -9.30 -8.48 -33.25
C THR A 19 -8.21 -8.57 -32.19
N VAL A 20 -7.51 -9.71 -32.20
CA VAL A 20 -6.45 -9.95 -31.22
C VAL A 20 -5.34 -8.91 -31.37
N GLU A 21 -5.01 -8.55 -32.61
CA GLU A 21 -3.98 -7.54 -32.84
C GLU A 21 -4.37 -6.20 -32.25
N ASP A 22 -5.62 -5.79 -32.44
CA ASP A 22 -6.11 -4.55 -31.83
C ASP A 22 -6.00 -4.60 -30.31
N ALA A 23 -6.35 -5.74 -29.71
CA ALA A 23 -6.29 -5.86 -28.26
C ALA A 23 -4.85 -5.78 -27.76
N ILE A 24 -3.92 -6.43 -28.46
CA ILE A 24 -2.52 -6.38 -28.06
C ILE A 24 -2.00 -4.95 -28.15
N ASN A 25 -2.29 -4.28 -29.27
CA ASN A 25 -1.82 -2.90 -29.43
C ASN A 25 -2.44 -1.97 -28.40
N LEU A 26 -3.69 -2.20 -28.02
CA LEU A 26 -4.33 -1.34 -27.03
C LEU A 26 -3.77 -1.58 -25.64
N LEU A 27 -3.52 -2.85 -25.30
CA LEU A 27 -2.90 -3.16 -24.01
C LEU A 27 -1.49 -2.57 -23.92
N LYS A 28 -0.75 -2.60 -25.02
CA LYS A 28 0.59 -2.03 -25.02
C LYS A 28 0.53 -0.50 -24.91
N LYS A 29 -0.35 0.12 -25.70
CA LYS A 29 -0.43 1.59 -25.69
C LYS A 29 -0.89 2.10 -24.33
N LYS A 30 -1.91 1.48 -23.76
CA LYS A 30 -2.41 1.87 -22.44
C LYS A 30 -1.54 1.34 -21.30
N LYS A 31 -0.59 0.46 -21.59
CA LYS A 31 0.26 -0.15 -20.58
C LYS A 31 -0.57 -0.81 -19.48
N ARG A 32 -1.59 -1.56 -19.91
CA ARG A 32 -2.46 -2.32 -19.02
C ARG A 32 -2.27 -3.80 -19.31
N PHE A 33 -2.47 -4.63 -18.28
CA PHE A 33 -2.30 -6.07 -18.39
C PHE A 33 -3.62 -6.82 -18.52
N SER A 34 -4.75 -6.15 -18.29
CA SER A 34 -6.05 -6.77 -18.48
C SER A 34 -7.02 -5.71 -18.98
N ALA A 35 -8.10 -6.19 -19.60
CA ALA A 35 -9.09 -5.30 -20.20
C ALA A 35 -10.42 -6.01 -20.29
N PRO A 36 -11.53 -5.28 -20.18
CA PRO A 36 -12.85 -5.88 -20.42
C PRO A 36 -13.25 -5.84 -21.88
N ILE A 37 -14.02 -6.84 -22.28
CA ILE A 37 -14.61 -6.91 -23.61
C ILE A 37 -16.07 -6.51 -23.50
N VAL A 38 -16.45 -5.44 -24.19
CA VAL A 38 -17.80 -4.90 -24.11
C VAL A 38 -18.44 -4.94 -25.50
N ASP A 39 -19.77 -4.84 -25.52
CA ASP A 39 -20.52 -4.83 -26.75
C ASP A 39 -20.68 -3.38 -27.22
N LYS A 40 -21.63 -3.13 -28.12
CA LYS A 40 -21.81 -1.78 -28.66
C LYS A 40 -22.33 -0.82 -27.60
N GLU A 41 -23.01 -1.32 -26.58
CA GLU A 41 -23.58 -0.50 -25.51
C GLU A 41 -22.70 -0.45 -24.26
N ASP A 42 -21.42 -0.79 -24.40
CA ASP A 42 -20.45 -0.75 -23.30
C ASP A 42 -20.84 -1.68 -22.15
N ARG A 43 -21.54 -2.76 -22.45
CA ARG A 43 -21.92 -3.74 -21.44
C ARG A 43 -20.99 -4.93 -21.48
N LEU A 44 -20.79 -5.54 -20.31
CA LEU A 44 -19.72 -6.52 -20.13
C LEU A 44 -20.00 -7.78 -20.93
N VAL A 45 -19.11 -8.11 -21.86
CA VAL A 45 -19.19 -9.36 -22.60
C VAL A 45 -18.06 -10.31 -22.26
N GLY A 46 -16.97 -9.84 -21.66
CA GLY A 46 -15.90 -10.72 -21.25
C GLY A 46 -14.75 -9.94 -20.68
N TRP A 47 -13.59 -10.61 -20.58
CA TRP A 47 -12.37 -9.97 -20.13
C TRP A 47 -11.19 -10.75 -20.67
N VAL A 48 -10.02 -10.11 -20.66
CA VAL A 48 -8.81 -10.75 -21.18
C VAL A 48 -7.61 -10.17 -20.43
N THR A 49 -6.60 -11.01 -20.23
CA THR A 49 -5.31 -10.58 -19.71
C THR A 49 -4.23 -10.91 -20.72
N THR A 50 -3.00 -10.47 -20.42
CA THR A 50 -1.87 -10.75 -21.30
C THR A 50 -1.60 -12.24 -21.40
N LEU A 51 -1.90 -13.00 -20.35
CA LEU A 51 -1.59 -14.43 -20.35
C LEU A 51 -2.47 -15.20 -21.35
N GLU A 52 -3.66 -14.67 -21.67
CA GLU A 52 -4.47 -15.30 -22.70
C GLU A 52 -3.90 -15.06 -24.09
N LEU A 53 -3.19 -13.95 -24.27
CA LEU A 53 -2.64 -13.59 -25.57
C LEU A 53 -1.15 -13.91 -25.69
N LEU A 54 -0.56 -14.49 -24.64
CA LEU A 54 0.87 -14.75 -24.61
C LEU A 54 1.18 -16.10 -25.25
N GLY A 55 2.17 -16.13 -26.14
CA GLY A 55 2.60 -17.36 -26.76
C GLY A 55 1.74 -17.85 -27.90
N ILE A 56 0.83 -17.02 -28.42
CA ILE A 56 -0.01 -17.43 -29.52
C ILE A 56 0.74 -17.27 -30.84
N SER A 57 0.17 -17.80 -31.92
CA SER A 57 0.79 -17.74 -33.23
C SER A 57 0.44 -16.43 -33.92
N GLU A 58 1.23 -16.12 -34.96
CA GLU A 58 0.96 -14.95 -35.79
C GLU A 58 -0.32 -15.12 -36.59
N LYS A 59 -0.75 -16.36 -36.85
CA LYS A 59 -2.04 -16.58 -37.51
C LYS A 59 -3.19 -16.06 -36.65
N ASP A 60 -3.09 -16.23 -35.33
CA ASP A 60 -4.18 -15.86 -34.44
C ASP A 60 -4.32 -14.35 -34.26
N PHE A 61 -3.41 -13.55 -34.83
CA PHE A 61 -3.48 -12.10 -34.66
C PHE A 61 -4.69 -11.49 -35.37
N LYS A 62 -5.30 -12.21 -36.31
CA LYS A 62 -6.45 -11.69 -37.04
C LYS A 62 -7.77 -12.29 -36.58
N LYS A 63 -7.75 -13.29 -35.69
CA LYS A 63 -8.99 -13.85 -35.19
C LYS A 63 -9.70 -12.84 -34.29
N PRO A 64 -11.02 -12.93 -34.18
CA PRO A 64 -11.74 -12.03 -33.26
C PRO A 64 -11.33 -12.28 -31.82
N ILE A 65 -11.34 -11.21 -31.03
CA ILE A 65 -10.96 -11.29 -29.63
C ILE A 65 -11.83 -12.28 -28.86
N THR A 66 -13.01 -12.61 -29.39
CA THR A 66 -13.89 -13.54 -28.70
C THR A 66 -13.30 -14.95 -28.61
N GLU A 67 -12.35 -15.29 -29.48
CA GLU A 67 -11.74 -16.61 -29.47
C GLU A 67 -10.79 -16.83 -28.31
N PHE A 68 -10.40 -15.77 -27.60
CA PHE A 68 -9.44 -15.89 -26.51
C PHE A 68 -9.91 -15.28 -25.20
N ARG A 70 -12.43 -14.55 -21.77
CA ARG A 70 -12.91 -15.39 -20.69
C ARG A 70 -14.35 -15.07 -20.37
N PRO A 71 -15.10 -16.01 -19.80
CA PRO A 71 -16.54 -15.79 -19.60
C PRO A 71 -16.83 -14.74 -18.53
N VAL A 72 -17.98 -14.09 -18.69
CA VAL A 72 -18.39 -13.01 -17.79
C VAL A 72 -18.52 -13.52 -16.36
N GLU A 73 -18.95 -14.77 -16.18
CA GLU A 73 -19.21 -15.28 -14.84
C GLU A 73 -17.98 -15.25 -13.94
N GLU A 74 -16.78 -15.15 -14.53
CA GLU A 74 -15.56 -15.04 -13.74
C GLU A 74 -15.21 -13.60 -13.37
N VAL A 75 -15.95 -12.62 -13.87
CA VAL A 75 -15.63 -11.21 -13.65
C VAL A 75 -16.28 -10.75 -12.35
N ILE A 76 -15.47 -10.22 -11.43
CA ILE A 76 -15.97 -9.54 -10.25
C ILE A 76 -16.08 -8.06 -10.57
N THR A 77 -17.21 -7.45 -10.24
CA THR A 77 -17.47 -6.06 -10.57
C THR A 77 -17.88 -5.29 -9.31
N VAL A 78 -17.84 -3.96 -9.43
CA VAL A 78 -18.29 -3.05 -8.37
C VAL A 78 -19.08 -1.92 -9.02
N TYR A 79 -19.83 -1.21 -8.19
CA TYR A 79 -20.53 -0.02 -8.62
C TYR A 79 -19.80 1.22 -8.12
N GLU A 80 -20.03 2.34 -8.80
CA GLU A 80 -19.32 3.57 -8.47
C GLU A 80 -19.62 4.03 -7.04
N ASP A 81 -20.80 3.72 -6.52
CA ASP A 81 -21.19 4.12 -5.18
C ASP A 81 -20.84 3.10 -4.11
N ASP A 82 -20.16 2.01 -4.47
CA ASP A 82 -19.74 1.03 -3.47
C ASP A 82 -18.63 1.61 -2.59
N GLU A 83 -18.51 1.06 -1.39
CA GLU A 83 -17.45 1.47 -0.48
C GLU A 83 -16.09 0.99 -1.01
N ALA A 84 -15.04 1.74 -0.66
CA ALA A 84 -13.70 1.32 -1.05
C ALA A 84 -13.30 0.02 -0.37
N ARG A 85 -13.73 -0.17 0.89
CA ARG A 85 -13.44 -1.41 1.57
C ARG A 85 -14.03 -2.61 0.85
N ASN A 86 -15.14 -2.41 0.13
CA ASN A 86 -15.75 -3.52 -0.59
C ASN A 86 -14.87 -3.98 -1.75
N VAL A 87 -14.32 -3.04 -2.53
CA VAL A 87 -13.45 -3.44 -3.62
C VAL A 87 -12.11 -3.96 -3.09
N VAL A 88 -11.69 -3.49 -1.92
CA VAL A 88 -10.51 -4.08 -1.29
C VAL A 88 -10.77 -5.54 -0.94
N LEU A 89 -11.90 -5.81 -0.28
CA LEU A 89 -12.23 -7.17 0.12
C LEU A 89 -12.41 -8.07 -1.09
N LYS A 90 -12.95 -7.53 -2.19
CA LYS A 90 -13.07 -8.32 -3.41
C LYS A 90 -11.72 -8.59 -4.04
N PHE A 91 -10.79 -7.63 -3.94
CA PHE A 91 -9.43 -7.86 -4.42
C PHE A 91 -8.77 -8.99 -3.65
N VAL A 92 -8.89 -8.98 -2.32
CA VAL A 92 -8.24 -10.00 -1.50
C VAL A 92 -8.91 -11.36 -1.67
N LYS A 93 -10.24 -11.37 -1.74
CA LYS A 93 -10.97 -12.64 -1.76
C LYS A 93 -10.77 -13.38 -3.08
N TYR A 94 -11.11 -12.73 -4.20
CA TYR A 94 -11.12 -13.39 -5.50
C TYR A 94 -9.78 -13.31 -6.21
N LYS A 95 -8.82 -12.56 -5.69
CA LYS A 95 -7.44 -12.54 -6.19
C LYS A 95 -7.42 -12.25 -7.69
N VAL A 96 -8.22 -11.27 -8.11
CA VAL A 96 -8.35 -10.91 -9.50
C VAL A 96 -7.45 -9.71 -9.79
N VAL A 97 -7.10 -9.54 -11.06
CA VAL A 97 -6.09 -8.55 -11.43
C VAL A 97 -6.71 -7.15 -11.53
N SER A 98 -7.97 -7.04 -11.93
CA SER A 98 -8.61 -5.74 -12.06
C SER A 98 -10.12 -5.92 -11.95
N ILE A 99 -10.80 -4.88 -11.50
CA ILE A 99 -12.23 -4.93 -11.24
C ILE A 99 -12.91 -3.79 -11.99
N PRO A 100 -13.82 -4.08 -12.92
CA PRO A 100 -14.51 -3.01 -13.65
C PRO A 100 -15.61 -2.37 -12.81
N VAL A 101 -15.82 -1.08 -13.07
CA VAL A 101 -16.86 -0.29 -12.40
C VAL A 101 -17.99 -0.06 -13.39
N LEU A 102 -19.18 -0.56 -13.04
CA LEU A 102 -20.35 -0.53 -13.90
C LEU A 102 -21.39 0.45 -13.36
N THR A 103 -22.22 0.95 -14.27
CA THR A 103 -23.45 1.64 -13.88
C THR A 103 -24.48 0.62 -13.39
N ARG A 104 -25.59 1.14 -12.85
CA ARG A 104 -26.64 0.25 -12.40
C ARG A 104 -27.34 -0.48 -13.53
N ASP A 105 -27.10 -0.06 -14.78
CA ASP A 105 -27.63 -0.76 -15.95
C ASP A 105 -26.57 -1.56 -16.69
N GLY A 106 -25.38 -1.70 -16.12
CA GLY A 106 -24.37 -2.61 -16.65
C GLY A 106 -23.38 -2.02 -17.62
N ARG A 107 -23.28 -0.70 -17.71
CA ARG A 107 -22.34 -0.07 -18.62
C ARG A 107 -21.00 0.13 -17.93
N VAL A 108 -19.92 -0.25 -18.60
CA VAL A 108 -18.57 -0.15 -18.05
C VAL A 108 -18.15 1.32 -18.09
N ILE A 109 -17.97 1.92 -16.91
CA ILE A 109 -17.52 3.30 -16.81
C ILE A 109 -16.17 3.44 -16.12
N GLY A 110 -15.73 2.45 -15.34
CA GLY A 110 -14.52 2.61 -14.56
C GLY A 110 -13.69 1.35 -14.51
N VAL A 112 -10.74 -0.41 -11.56
CA VAL A 112 -9.98 -0.32 -10.31
C VAL A 112 -8.92 -1.42 -10.31
N ARG A 113 -7.71 -1.05 -9.92
CA ARG A 113 -6.60 -1.98 -9.73
C ARG A 113 -6.06 -1.82 -8.32
N ASN A 114 -5.20 -2.76 -7.92
CA ASN A 114 -4.61 -2.69 -6.59
C ASN A 114 -3.76 -1.44 -6.42
N CYS A 115 -3.08 -1.02 -7.50
CA CYS A 115 -2.20 0.15 -7.43
C CYS A 115 -2.96 1.44 -7.18
N ASP A 116 -4.27 1.48 -7.44
CA ASP A 116 -5.07 2.65 -7.07
C ASP A 116 -5.26 2.72 -5.57
N VAL A 117 -5.57 1.59 -4.94
CA VAL A 117 -5.63 1.52 -3.48
C VAL A 117 -4.28 1.92 -2.88
N VAL A 118 -3.20 1.36 -3.43
CA VAL A 118 -1.87 1.71 -2.92
C VAL A 118 -1.62 3.21 -3.08
N LYS A 119 -1.97 3.75 -4.24
CA LYS A 119 -1.74 5.17 -4.51
C LYS A 119 -2.50 6.05 -3.53
N THR A 120 -3.72 5.67 -3.17
CA THR A 120 -4.44 6.44 -2.16
C THR A 120 -3.86 6.24 -0.77
N LEU A 121 -3.22 5.09 -0.53
CA LEU A 121 -2.53 4.90 0.75
C LEU A 121 -1.33 5.82 0.88
N ALA A 122 -0.58 6.03 -0.21
CA ALA A 122 0.68 6.75 -0.12
C ALA A 122 0.49 8.20 0.31
N LYS A 123 -0.71 8.76 0.10
CA LYS A 123 -0.96 10.15 0.49
C LYS A 123 -0.67 10.40 1.95
N LEU A 124 -0.82 9.37 2.80
CA LEU A 124 -0.56 9.52 4.21
C LEU A 124 0.89 9.89 4.49
N TYR A 125 1.82 9.34 3.71
CA TYR A 125 3.24 9.58 3.96
C TYR A 125 3.73 10.92 3.46
N GLU A 126 2.92 11.65 2.69
CA GLU A 126 3.28 12.99 2.24
C GLU A 126 2.81 14.08 3.18
N ILE A 127 2.17 13.73 4.29
CA ILE A 127 1.66 14.74 5.22
C ILE A 127 2.84 15.43 5.89
N PRO A 128 2.92 16.76 5.89
CA PRO A 128 3.99 17.44 6.63
C PRO A 128 3.81 17.26 8.13
N VAL A 129 4.93 17.09 8.84
CA VAL A 129 4.91 16.95 10.29
C VAL A 129 4.28 18.17 10.95
N TYR A 130 4.26 19.31 10.25
CA TYR A 130 3.65 20.52 10.78
C TYR A 130 2.17 20.30 11.12
N LYS A 131 1.43 19.61 10.24
CA LYS A 131 0.01 19.37 10.50
C LYS A 131 -0.18 18.39 11.65
N ILE A 132 0.66 17.36 11.73
CA ILE A 132 0.60 16.45 12.87
C ILE A 132 0.79 17.22 14.17
N PHE A 133 1.79 18.10 14.20
CA PHE A 133 1.99 18.93 15.39
C PHE A 133 0.81 19.86 15.64
N LYS A 134 0.12 20.29 14.58
CA LYS A 134 -1.07 21.12 14.77
C LYS A 134 -2.17 20.34 15.48
N GLU A 135 -2.47 19.13 14.98
CA GLU A 135 -3.46 18.29 15.66
C GLU A 135 -3.05 18.02 17.10
N LEU A 136 -1.76 17.73 17.33
CA LEU A 136 -1.28 17.50 18.68
C LEU A 136 -1.53 18.72 19.56
N HIS A 137 -1.26 19.92 19.04
CA HIS A 137 -1.54 21.14 19.80
C HIS A 137 -3.02 21.27 20.13
N ASN A 138 -3.89 20.88 19.19
CA ASN A 138 -5.32 20.91 19.47
C ASN A 138 -5.70 19.88 20.54
N HIS A 139 -4.90 18.83 20.70
CA HIS A 139 -5.21 17.80 21.70
C HIS A 139 -4.53 18.03 23.05
N ILE A 140 -3.55 18.93 23.14
CA ILE A 140 -2.86 19.16 24.40
C ILE A 140 -3.70 20.01 25.33
N GLY A 141 -3.86 21.30 25.00
CA GLY A 141 -4.70 22.16 25.82
C GLY A 141 -4.03 23.41 26.34
N ASP A 142 -3.47 23.35 27.56
CA ASP A 142 -3.02 24.56 28.22
C ASP A 142 -1.79 25.17 27.54
N ILE A 143 -1.02 24.34 26.83
CA ILE A 143 0.20 24.82 26.20
C ILE A 143 -0.15 25.63 24.96
N SER A 144 0.67 26.65 24.68
CA SER A 144 0.49 27.45 23.48
C SER A 144 1.37 26.88 22.37
N TRP A 145 1.28 27.49 21.18
CA TRP A 145 2.07 27.04 20.05
C TRP A 145 3.55 27.35 20.25
N GLU A 146 3.86 28.58 20.67
CA GLU A 146 5.25 28.95 20.92
C GLU A 146 5.86 28.07 22.00
N GLU A 147 5.08 27.75 23.04
CA GLU A 147 5.58 26.89 24.11
C GLU A 147 5.85 25.47 23.62
N LEU A 148 4.97 24.94 22.76
CA LEU A 148 5.19 23.61 22.22
C LEU A 148 6.42 23.57 21.33
N GLU A 150 9.05 25.62 21.55
CA GLU A 150 10.20 25.73 22.46
C GLU A 150 10.50 24.38 23.11
N ALA A 151 9.46 23.65 23.52
CA ALA A 151 9.66 22.32 24.08
C ALA A 151 10.30 21.38 23.07
N ALA A 152 9.83 21.42 21.82
CA ALA A 152 10.42 20.59 20.78
C ALA A 152 11.90 20.91 20.60
N ALA A 153 12.26 22.19 20.64
CA ALA A 153 13.67 22.58 20.55
C ALA A 153 14.45 22.01 21.72
N VAL A 154 13.90 22.12 22.93
CA VAL A 154 14.57 21.58 24.11
C VAL A 154 14.82 20.09 23.95
N VAL A 155 13.85 19.36 23.38
CA VAL A 155 13.99 17.92 23.25
C VAL A 155 15.02 17.58 22.17
N THR A 156 15.00 18.29 21.04
CA THR A 156 15.96 18.00 19.98
C THR A 156 17.39 18.30 20.43
N LYS A 157 17.57 19.36 21.24
CA LYS A 157 18.88 19.65 21.80
C LYS A 157 19.34 18.57 22.78
N ARG A 158 18.41 17.79 23.32
CA ARG A 158 18.72 16.69 24.23
C ARG A 158 19.00 15.39 23.49
N THR A 160 19.85 14.93 20.22
CA THR A 160 20.92 15.02 19.24
C THR A 160 22.01 16.02 19.58
N GLY A 161 21.77 16.95 20.51
CA GLY A 161 22.74 17.96 20.83
C GLY A 161 22.71 19.19 19.95
N GLU A 162 21.79 19.27 19.00
CA GLU A 162 21.71 20.41 18.10
C GLU A 162 21.06 21.60 18.78
N ASP A 163 21.72 22.76 18.69
CA ASP A 163 21.21 24.01 19.27
C ASP A 163 20.30 24.66 18.24
N ILE A 164 19.00 24.38 18.34
CA ILE A 164 18.03 24.82 17.35
C ILE A 164 16.99 25.69 18.02
N THR A 165 16.50 26.68 17.30
CA THR A 165 15.52 27.63 17.80
C THR A 165 14.11 27.19 17.41
N PRO A 166 13.09 27.66 18.13
CA PRO A 166 11.70 27.26 17.79
C PRO A 166 11.32 27.52 16.34
N GLN A 167 11.74 28.66 15.78
CA GLN A 167 11.38 28.98 14.40
C GLN A 167 12.05 28.01 13.42
N GLU A 168 13.31 27.67 13.67
CA GLU A 168 14.01 26.73 12.81
C GLU A 168 13.34 25.36 12.83
N TYR A 169 12.87 24.93 14.01
CA TYR A 169 12.13 23.67 14.07
C TYR A 169 10.79 23.78 13.36
N GLU A 170 10.16 24.97 13.43
CA GLU A 170 8.92 25.19 12.69
C GLU A 170 9.12 24.98 11.20
N GLU A 171 10.13 25.63 10.63
CA GLU A 171 10.40 25.44 9.20
C GLU A 171 10.80 24.00 8.90
N ARG A 172 11.54 23.38 9.82
CA ARG A 172 11.96 22.00 9.63
C ARG A 172 10.76 21.07 9.46
N ILE A 173 9.81 21.12 10.40
CA ILE A 173 8.64 20.25 10.27
C ILE A 173 7.70 20.73 9.17
N LYS A 174 7.75 22.01 8.79
CA LYS A 174 6.98 22.44 7.63
C LYS A 174 7.54 21.86 6.35
N LYS A 175 8.82 21.49 6.33
CA LYS A 175 9.48 21.03 5.12
C LYS A 175 9.89 19.55 5.18
N THR A 176 9.47 18.81 6.21
CA THR A 176 9.72 17.38 6.29
C THR A 176 8.39 16.64 6.35
N THR A 177 8.31 15.53 5.64
CA THR A 177 7.09 14.76 5.53
C THR A 177 7.05 13.66 6.58
N PHE A 178 5.85 13.11 6.78
CA PHE A 178 5.67 12.05 7.78
C PHE A 178 6.54 10.84 7.47
N GLY A 179 6.62 10.45 6.19
CA GLY A 179 7.44 9.32 5.83
C GLY A 179 8.90 9.54 6.11
N LYS A 180 9.44 10.70 5.71
CA LYS A 180 10.83 11.02 6.01
C LYS A 180 11.05 11.16 7.52
N ALA A 181 10.01 11.54 8.26
CA ALA A 181 10.14 11.69 9.70
C ALA A 181 10.27 10.34 10.39
N ILE A 182 9.38 9.40 10.08
CA ILE A 182 9.48 8.07 10.67
C ILE A 182 10.66 7.31 10.09
N TRP A 183 11.18 7.74 8.92
CA TRP A 183 12.42 7.17 8.41
C TRP A 183 13.62 7.68 9.19
N ALA A 184 13.60 8.95 9.58
CA ALA A 184 14.71 9.58 10.29
C ALA A 184 14.69 9.33 11.79
N CYS A 185 13.56 8.91 12.35
CA CYS A 185 13.49 8.56 13.77
C CYS A 185 13.89 7.13 14.04
N GLY A 186 14.04 6.30 13.01
CA GLY A 186 14.34 4.89 13.20
C GLY A 186 13.13 4.01 13.36
N GLY A 187 11.95 4.48 13.02
CA GLY A 187 10.72 3.72 13.12
C GLY A 187 9.59 4.57 13.63
N LEU A 188 8.36 4.09 13.43
CA LEU A 188 7.19 4.81 13.89
C LEU A 188 7.15 4.91 15.41
N GLU A 189 7.68 3.90 16.11
CA GLU A 189 7.60 3.90 17.57
C GLU A 189 8.42 5.04 18.18
N LYS A 190 9.59 5.31 17.62
CA LYS A 190 10.45 6.35 18.19
C LYS A 190 9.97 7.76 17.85
N PHE A 191 9.38 7.94 16.67
CA PHE A 191 8.68 9.19 16.37
C PHE A 191 7.51 9.39 17.33
N PHE A 192 6.80 8.31 17.63
CA PHE A 192 5.66 8.38 18.55
C PHE A 192 6.09 8.79 19.96
N VAL A 193 7.05 8.06 20.52
CA VAL A 193 7.55 8.40 21.86
C VAL A 193 8.24 9.76 21.84
N GLY A 194 8.75 10.19 20.68
CA GLY A 194 9.29 11.53 20.57
C GLY A 194 8.22 12.59 20.75
N LEU A 195 7.08 12.43 20.07
CA LEU A 195 5.97 13.35 20.26
C LEU A 195 5.48 13.32 21.70
N ILE A 196 5.39 12.12 22.30
CA ILE A 196 4.98 12.02 23.70
C ILE A 196 5.92 12.82 24.59
N GLU A 197 7.23 12.65 24.40
CA GLU A 197 8.20 13.34 25.24
C GLU A 197 8.13 14.85 25.03
N ILE A 198 7.93 15.29 23.79
CA ILE A 198 7.81 16.73 23.52
C ILE A 198 6.61 17.30 24.26
N GLY A 199 5.46 16.63 24.17
CA GLY A 199 4.29 17.10 24.90
C GLY A 199 4.52 17.10 26.40
N VAL A 201 7.47 17.47 28.08
CA VAL A 201 8.32 18.61 28.40
C VAL A 201 7.53 19.91 28.31
N ALA A 202 6.63 20.01 27.32
CA ALA A 202 5.79 21.20 27.19
C ALA A 202 4.89 21.37 28.41
N LEU A 203 4.37 20.28 28.95
CA LEU A 203 3.50 20.38 30.12
C LEU A 203 4.29 20.75 31.37
N ALA A 204 5.47 20.15 31.55
CA ALA A 204 6.25 20.42 32.75
C ALA A 204 6.65 21.89 32.83
N ARG A 205 7.03 22.49 31.71
CA ARG A 205 7.40 23.90 31.69
C ARG A 205 6.17 24.79 31.61
N LYS B 2 8.61 -5.49 7.91
CA LYS B 2 9.64 -5.78 6.94
C LYS B 2 9.04 -6.22 5.62
N VAL B 3 9.80 -5.98 4.54
CA VAL B 3 9.34 -6.34 3.21
C VAL B 3 9.13 -7.85 3.10
N ARG B 4 9.94 -8.63 3.81
CA ARG B 4 9.82 -10.08 3.72
C ARG B 4 8.49 -10.60 4.24
N ASP B 5 7.74 -9.78 4.98
CA ASP B 5 6.42 -10.17 5.48
C ASP B 5 5.31 -9.87 4.49
N LEU B 6 5.57 -9.10 3.43
CA LEU B 6 4.59 -8.84 2.38
C LEU B 6 4.84 -9.66 1.12
N ASP B 8 5.78 -11.83 -2.31
CA ASP B 8 5.34 -13.05 -2.98
C ASP B 8 6.52 -14.01 -3.13
N LYS B 9 6.40 -15.19 -2.53
CA LYS B 9 7.44 -16.21 -2.60
C LYS B 9 7.19 -17.25 -3.68
N ASN B 10 6.03 -17.22 -4.31
CA ASN B 10 5.69 -18.11 -5.42
C ASN B 10 5.85 -17.41 -6.76
N PHE B 11 7.00 -16.82 -6.99
CA PHE B 11 7.25 -16.03 -8.19
C PHE B 11 7.88 -16.90 -9.28
N ALA B 12 7.78 -16.41 -10.52
CA ALA B 12 8.38 -17.08 -11.67
C ALA B 12 9.84 -16.66 -11.75
N LYS B 13 10.75 -17.56 -11.41
CA LYS B 13 12.18 -17.30 -11.43
C LYS B 13 12.75 -17.79 -12.77
N ILE B 14 12.98 -16.86 -13.68
CA ILE B 14 13.53 -17.15 -15.00
C ILE B 14 15.06 -17.10 -14.92
N TYR B 15 15.72 -18.04 -15.59
CA TYR B 15 17.17 -18.07 -15.64
C TYR B 15 17.66 -17.40 -16.92
N VAL B 16 18.86 -16.82 -16.82
CA VAL B 16 19.39 -15.94 -17.85
C VAL B 16 19.62 -16.67 -19.18
N ASP B 17 19.77 -17.99 -19.15
CA ASP B 17 20.07 -18.76 -20.35
C ASP B 17 18.83 -19.31 -21.04
N GLU B 18 17.63 -18.95 -20.58
CA GLU B 18 16.41 -19.50 -21.13
C GLU B 18 15.92 -18.69 -22.32
N THR B 19 15.01 -19.30 -23.09
CA THR B 19 14.47 -18.69 -24.29
C THR B 19 13.14 -17.99 -23.99
N VAL B 20 12.60 -17.33 -25.01
CA VAL B 20 11.32 -16.66 -24.87
C VAL B 20 10.21 -17.66 -24.60
N GLU B 21 10.28 -18.82 -25.26
CA GLU B 21 9.27 -19.86 -25.06
C GLU B 21 9.29 -20.36 -23.61
N ASP B 22 10.49 -20.58 -23.07
CA ASP B 22 10.61 -20.98 -21.67
C ASP B 22 9.97 -19.94 -20.74
N ALA B 23 10.26 -18.66 -20.98
CA ALA B 23 9.71 -17.60 -20.14
C ALA B 23 8.19 -17.58 -20.24
N ILE B 24 7.64 -17.70 -21.45
CA ILE B 24 6.19 -17.71 -21.62
C ILE B 24 5.58 -18.87 -20.84
N ASN B 25 6.14 -20.08 -21.01
CA ASN B 25 5.60 -21.25 -20.33
C ASN B 25 5.64 -21.09 -18.82
N LEU B 26 6.74 -20.56 -18.29
CA LEU B 26 6.85 -20.39 -16.84
C LEU B 26 5.87 -19.33 -16.33
N LEU B 27 5.73 -18.22 -17.05
CA LEU B 27 4.80 -17.17 -16.64
C LEU B 27 3.36 -17.65 -16.66
N LYS B 28 3.00 -18.45 -17.66
CA LYS B 28 1.64 -18.98 -17.72
C LYS B 28 1.41 -20.05 -16.66
N LYS B 29 2.43 -20.86 -16.37
CA LYS B 29 2.30 -21.86 -15.33
C LYS B 29 2.14 -21.21 -13.96
N LYS B 30 2.93 -20.17 -13.68
CA LYS B 30 2.95 -19.55 -12.36
C LYS B 30 1.86 -18.51 -12.17
N LYS B 31 1.11 -18.16 -13.22
CA LYS B 31 0.08 -17.12 -13.15
C LYS B 31 0.68 -15.78 -12.70
N ARG B 32 1.76 -15.38 -13.36
CA ARG B 32 2.43 -14.13 -13.07
C ARG B 32 2.56 -13.30 -14.34
N PHE B 33 2.49 -11.97 -14.17
CA PHE B 33 2.57 -11.04 -15.28
C PHE B 33 3.95 -10.41 -15.44
N SER B 34 4.87 -10.66 -14.50
CA SER B 34 6.24 -10.18 -14.60
C SER B 34 7.13 -11.17 -13.88
N ALA B 35 8.43 -11.10 -14.16
CA ALA B 35 9.35 -12.07 -13.60
C ALA B 35 10.77 -11.52 -13.58
N PRO B 36 11.57 -11.85 -12.57
CA PRO B 36 12.99 -11.53 -12.61
C PRO B 36 13.77 -12.58 -13.39
N ILE B 37 14.84 -12.12 -14.02
CA ILE B 37 15.78 -13.00 -14.71
C ILE B 37 17.06 -13.02 -13.90
N VAL B 38 17.46 -14.21 -13.46
CA VAL B 38 18.59 -14.39 -12.55
C VAL B 38 19.62 -15.30 -13.19
N ASP B 39 20.79 -15.38 -12.57
CA ASP B 39 21.85 -16.26 -13.03
C ASP B 39 21.83 -17.54 -12.18
N LYS B 40 22.85 -18.38 -12.37
CA LYS B 40 22.92 -19.66 -11.66
C LYS B 40 23.00 -19.49 -10.15
N GLU B 41 23.49 -18.35 -9.67
CA GLU B 41 23.63 -18.09 -8.24
C GLU B 41 22.43 -17.34 -7.66
N ASP B 42 21.33 -17.25 -8.41
CA ASP B 42 20.10 -16.58 -7.98
C ASP B 42 20.31 -15.08 -7.76
N ARG B 43 21.25 -14.47 -8.46
CA ARG B 43 21.46 -13.03 -8.41
C ARG B 43 20.80 -12.36 -9.60
N LEU B 44 20.18 -11.21 -9.37
CA LEU B 44 19.37 -10.55 -10.37
C LEU B 44 20.21 -10.04 -11.52
N VAL B 45 19.81 -10.35 -12.75
CA VAL B 45 20.43 -9.80 -13.94
C VAL B 45 19.43 -9.13 -14.88
N GLY B 46 18.14 -9.30 -14.65
CA GLY B 46 17.16 -8.70 -15.54
C GLY B 46 15.76 -8.80 -14.97
N TRP B 47 14.80 -8.31 -15.75
CA TRP B 47 13.41 -8.22 -15.36
C TRP B 47 12.56 -8.09 -16.62
N VAL B 48 11.43 -8.79 -16.66
CA VAL B 48 10.59 -8.80 -17.85
C VAL B 48 9.13 -8.80 -17.46
N THR B 49 8.30 -8.23 -18.33
CA THR B 49 6.85 -8.28 -18.21
C THR B 49 6.25 -8.98 -19.41
N THR B 50 5.03 -9.47 -19.24
CA THR B 50 4.31 -10.09 -20.35
C THR B 50 3.94 -9.10 -21.44
N LEU B 51 4.00 -7.79 -21.16
CA LEU B 51 3.68 -6.80 -22.17
C LEU B 51 4.75 -6.77 -23.26
N GLU B 52 6.02 -6.78 -22.88
CA GLU B 52 7.10 -6.78 -23.86
C GLU B 52 7.16 -8.07 -24.66
N LEU B 53 6.45 -9.12 -24.24
CA LEU B 53 6.46 -10.40 -24.93
C LEU B 53 5.24 -10.62 -25.81
N LEU B 54 4.26 -9.73 -25.77
CA LEU B 54 3.11 -9.84 -26.66
C LEU B 54 3.49 -9.44 -28.08
N GLY B 55 2.85 -10.08 -29.05
CA GLY B 55 3.10 -9.79 -30.45
C GLY B 55 4.33 -10.46 -31.04
N ILE B 56 5.09 -11.20 -30.25
CA ILE B 56 6.26 -11.89 -30.77
C ILE B 56 5.83 -12.99 -31.74
N SER B 57 6.51 -13.07 -32.88
CA SER B 57 6.24 -14.13 -33.83
C SER B 57 6.75 -15.46 -33.30
N GLU B 58 6.08 -16.55 -33.71
CA GLU B 58 6.46 -17.88 -33.24
C GLU B 58 7.85 -18.30 -33.73
N LYS B 59 8.32 -17.72 -34.84
CA LYS B 59 9.68 -17.96 -35.29
C LYS B 59 10.71 -17.35 -34.35
N ASP B 60 10.30 -16.48 -33.44
CA ASP B 60 11.22 -15.84 -32.50
C ASP B 60 11.09 -16.39 -31.09
N PHE B 61 10.34 -17.47 -30.90
CA PHE B 61 10.21 -18.05 -29.57
C PHE B 61 11.52 -18.65 -29.06
N LYS B 62 12.48 -18.92 -29.94
CA LYS B 62 13.75 -19.48 -29.53
C LYS B 62 14.80 -18.43 -29.21
N LYS B 63 14.47 -17.15 -29.38
CA LYS B 63 15.39 -16.09 -29.00
C LYS B 63 15.62 -16.10 -27.49
N PRO B 64 16.81 -15.70 -27.05
CA PRO B 64 17.06 -15.64 -25.60
C PRO B 64 16.24 -14.54 -24.94
N ILE B 65 15.85 -14.79 -23.68
CA ILE B 65 15.04 -13.83 -22.95
C ILE B 65 15.82 -12.53 -22.70
N THR B 66 17.15 -12.56 -22.84
CA THR B 66 17.95 -11.36 -22.64
C THR B 66 17.70 -10.31 -23.72
N GLU B 67 17.09 -10.69 -24.84
CA GLU B 67 16.76 -9.73 -25.88
C GLU B 67 15.44 -9.00 -25.64
N PHE B 68 14.75 -9.29 -24.53
CA PHE B 68 13.49 -8.66 -24.22
C PHE B 68 13.40 -8.14 -22.79
N ARG B 70 14.54 -5.99 -19.23
CA ARG B 70 15.20 -4.78 -18.76
C ARG B 70 16.46 -5.16 -18.00
N PRO B 71 17.62 -4.60 -18.34
CA PRO B 71 18.84 -4.92 -17.59
C PRO B 71 18.70 -4.50 -16.14
N VAL B 72 19.45 -5.18 -15.27
CA VAL B 72 19.28 -5.00 -13.82
C VAL B 72 19.53 -3.56 -13.40
N GLU B 73 20.34 -2.83 -14.16
CA GLU B 73 20.64 -1.44 -13.82
C GLU B 73 19.39 -0.56 -13.83
N GLU B 74 18.41 -0.88 -14.68
CA GLU B 74 17.19 -0.11 -14.81
C GLU B 74 16.02 -0.74 -14.07
N VAL B 75 16.28 -1.60 -13.09
CA VAL B 75 15.25 -2.36 -12.40
C VAL B 75 15.13 -1.86 -10.97
N ILE B 76 13.90 -1.53 -10.57
CA ILE B 76 13.63 -1.09 -9.20
C ILE B 76 13.61 -2.31 -8.29
N THR B 77 14.43 -2.29 -7.25
CA THR B 77 14.55 -3.41 -6.32
C THR B 77 14.39 -2.93 -4.88
N VAL B 78 14.35 -3.89 -3.96
CA VAL B 78 14.23 -3.61 -2.55
C VAL B 78 14.81 -4.80 -1.80
N TYR B 79 15.30 -4.54 -0.59
CA TYR B 79 15.92 -5.59 0.22
C TYR B 79 14.89 -6.21 1.17
N GLU B 80 15.17 -7.44 1.58
CA GLU B 80 14.21 -8.21 2.35
C GLU B 80 13.98 -7.63 3.75
N ASP B 81 14.93 -6.90 4.29
CA ASP B 81 14.82 -6.34 5.63
C ASP B 81 14.49 -4.85 5.63
N ASP B 82 14.13 -4.28 4.48
CA ASP B 82 13.67 -2.91 4.45
C ASP B 82 12.29 -2.81 5.10
N GLU B 83 11.90 -1.58 5.44
CA GLU B 83 10.57 -1.32 5.97
C GLU B 83 9.55 -1.37 4.85
N ALA B 84 8.31 -1.71 5.22
CA ALA B 84 7.28 -1.98 4.22
C ALA B 84 6.90 -0.73 3.44
N ARG B 85 6.92 0.44 4.08
CA ARG B 85 6.49 1.67 3.39
C ARG B 85 7.40 2.04 2.22
N ASN B 86 8.66 1.59 2.24
CA ASN B 86 9.58 1.88 1.14
C ASN B 86 9.01 1.41 -0.18
N VAL B 87 8.54 0.16 -0.24
CA VAL B 87 7.99 -0.38 -1.48
C VAL B 87 6.72 0.35 -1.88
N VAL B 88 6.00 0.91 -0.90
CA VAL B 88 4.82 1.71 -1.22
C VAL B 88 5.23 2.96 -1.98
N LEU B 89 6.18 3.72 -1.42
CA LEU B 89 6.62 4.95 -2.08
C LEU B 89 7.23 4.66 -3.45
N LYS B 90 7.97 3.54 -3.56
CA LYS B 90 8.55 3.19 -4.86
C LYS B 90 7.46 2.82 -5.86
N PHE B 91 6.46 2.05 -5.43
CA PHE B 91 5.32 1.73 -6.29
C PHE B 91 4.67 3.00 -6.83
N VAL B 92 4.42 3.98 -5.96
CA VAL B 92 3.70 5.17 -6.42
C VAL B 92 4.58 6.03 -7.30
N LYS B 93 5.88 6.14 -6.99
CA LYS B 93 6.74 7.03 -7.75
C LYS B 93 7.06 6.47 -9.14
N TYR B 94 7.41 5.18 -9.21
CA TYR B 94 7.94 4.63 -10.46
C TYR B 94 6.91 3.83 -11.26
N LYS B 95 5.78 3.46 -10.64
CA LYS B 95 4.67 2.83 -11.36
C LYS B 95 5.08 1.51 -12.00
N VAL B 96 5.97 0.78 -11.35
CA VAL B 96 6.34 -0.56 -11.80
C VAL B 96 5.34 -1.57 -11.25
N VAL B 97 5.11 -2.64 -12.00
CA VAL B 97 4.11 -3.62 -11.60
C VAL B 97 4.62 -4.62 -10.58
N SER B 98 5.94 -4.74 -10.42
CA SER B 98 6.50 -5.65 -9.44
C SER B 98 7.92 -5.20 -9.10
N ILE B 99 8.35 -5.55 -7.90
CA ILE B 99 9.67 -5.17 -7.39
C ILE B 99 10.35 -6.42 -6.84
N PRO B 100 11.49 -6.83 -7.40
CA PRO B 100 12.20 -7.98 -6.83
C PRO B 100 12.76 -7.68 -5.46
N VAL B 101 12.78 -8.71 -4.61
CA VAL B 101 13.27 -8.61 -3.25
C VAL B 101 14.60 -9.36 -3.16
N LEU B 102 15.61 -8.70 -2.61
CA LEU B 102 16.95 -9.24 -2.52
C LEU B 102 17.34 -9.49 -1.08
N THR B 103 18.15 -10.52 -0.86
CA THR B 103 18.78 -10.72 0.43
C THR B 103 19.90 -9.71 0.64
N ARG B 104 20.51 -9.76 1.83
CA ARG B 104 21.67 -8.94 2.14
C ARG B 104 22.92 -9.62 1.60
N ASP B 105 22.72 -10.53 0.65
CA ASP B 105 23.79 -11.20 -0.07
C ASP B 105 23.67 -11.00 -1.59
N GLY B 106 22.63 -10.33 -2.05
CA GLY B 106 22.44 -10.05 -3.46
C GLY B 106 21.53 -11.01 -4.21
N ARG B 107 20.88 -11.94 -3.51
CA ARG B 107 20.09 -12.99 -4.14
C ARG B 107 18.61 -12.65 -4.11
N VAL B 108 17.92 -12.96 -5.22
CA VAL B 108 16.48 -12.76 -5.31
C VAL B 108 15.77 -13.84 -4.51
N ILE B 109 14.92 -13.42 -3.56
CA ILE B 109 14.17 -14.36 -2.73
C ILE B 109 12.68 -14.07 -2.71
N GLY B 110 12.19 -13.13 -3.51
CA GLY B 110 10.77 -12.83 -3.50
C GLY B 110 10.45 -11.70 -4.45
N VAL B 112 7.41 -8.27 -4.84
CA VAL B 112 6.34 -7.49 -4.24
C VAL B 112 5.52 -6.87 -5.37
N ARG B 113 4.23 -7.15 -5.38
CA ARG B 113 3.28 -6.48 -6.25
C ARG B 113 2.37 -5.59 -5.39
N ASN B 114 1.61 -4.73 -6.06
CA ASN B 114 0.66 -3.89 -5.35
C ASN B 114 -0.35 -4.72 -4.57
N CYS B 115 -0.71 -5.89 -5.10
CA CYS B 115 -1.72 -6.72 -4.44
C CYS B 115 -1.21 -7.30 -3.12
N ASP B 116 0.11 -7.46 -2.98
CA ASP B 116 0.67 -7.88 -1.70
C ASP B 116 0.48 -6.79 -0.64
N VAL B 117 0.78 -5.54 -1.01
CA VAL B 117 0.55 -4.41 -0.13
C VAL B 117 -0.92 -4.32 0.25
N VAL B 118 -1.81 -4.47 -0.74
CA VAL B 118 -3.24 -4.39 -0.46
C VAL B 118 -3.68 -5.52 0.48
N LYS B 119 -3.15 -6.72 0.27
CA LYS B 119 -3.43 -7.84 1.16
C LYS B 119 -3.03 -7.51 2.58
N THR B 120 -1.81 -6.97 2.75
CA THR B 120 -1.35 -6.59 4.08
C THR B 120 -2.27 -5.53 4.70
N LEU B 121 -2.67 -4.54 3.91
CA LEU B 121 -3.58 -3.50 4.43
C LEU B 121 -4.90 -4.13 4.89
N ALA B 122 -5.45 -5.05 4.10
CA ALA B 122 -6.67 -5.73 4.51
C ALA B 122 -6.47 -6.49 5.81
N LYS B 123 -5.28 -7.03 6.03
CA LYS B 123 -5.01 -7.73 7.29
C LYS B 123 -4.92 -6.75 8.45
N LEU B 124 -4.28 -5.58 8.24
CA LEU B 124 -4.17 -4.59 9.31
C LEU B 124 -5.53 -3.99 9.66
N TYR B 125 -6.43 -3.89 8.68
CA TYR B 125 -7.75 -3.30 8.93
C TYR B 125 -8.50 -4.05 10.02
N GLU B 126 -8.39 -5.38 10.02
CA GLU B 126 -9.17 -6.24 10.91
C GLU B 126 -8.53 -6.47 12.27
N ILE B 127 -7.35 -5.89 12.51
CA ILE B 127 -6.68 -6.07 13.80
C ILE B 127 -7.46 -5.33 14.88
N PRO B 128 -7.81 -5.97 15.99
CA PRO B 128 -8.50 -5.26 17.07
C PRO B 128 -7.63 -4.16 17.66
N VAL B 129 -8.28 -3.07 18.09
CA VAL B 129 -7.58 -1.96 18.72
C VAL B 129 -6.84 -2.42 19.97
N TYR B 130 -7.25 -3.56 20.54
CA TYR B 130 -6.55 -4.14 21.69
C TYR B 130 -5.06 -4.35 21.39
N LYS B 131 -4.74 -4.89 20.21
CA LYS B 131 -3.36 -5.10 19.83
C LYS B 131 -2.62 -3.76 19.73
N ILE B 132 -3.28 -2.75 19.16
CA ILE B 132 -2.66 -1.43 19.03
C ILE B 132 -2.36 -0.85 20.40
N PHE B 133 -3.23 -1.09 21.37
CA PHE B 133 -2.99 -0.58 22.72
C PHE B 133 -1.95 -1.39 23.47
N LYS B 134 -1.76 -2.66 23.11
CA LYS B 134 -0.67 -3.44 23.70
C LYS B 134 0.68 -2.96 23.17
N GLU B 135 0.83 -2.94 21.84
CA GLU B 135 2.05 -2.38 21.24
C GLU B 135 2.31 -0.96 21.74
N LEU B 136 1.24 -0.19 21.96
CA LEU B 136 1.38 1.12 22.58
C LEU B 136 1.93 0.99 24.00
N HIS B 137 1.42 0.02 24.77
CA HIS B 137 1.82 -0.12 26.16
C HIS B 137 3.29 -0.51 26.27
N ASN B 138 3.84 -1.17 25.26
CA ASN B 138 5.25 -1.59 25.32
C ASN B 138 6.21 -0.41 25.40
N HIS B 139 5.80 0.79 24.98
CA HIS B 139 6.72 1.92 24.86
C HIS B 139 6.45 3.05 25.84
N ILE B 140 5.39 2.97 26.64
CA ILE B 140 5.05 4.09 27.53
C ILE B 140 6.04 4.16 28.69
N GLY B 141 6.29 3.02 29.34
CA GLY B 141 7.21 2.99 30.47
C GLY B 141 6.65 2.26 31.67
N ASP B 142 6.75 2.87 32.85
CA ASP B 142 6.28 2.27 34.09
C ASP B 142 4.82 2.62 34.34
N ILE B 143 3.98 2.24 33.39
CA ILE B 143 2.53 2.44 33.44
C ILE B 143 1.86 1.09 33.39
N SER B 144 0.92 0.85 34.31
CA SER B 144 0.17 -0.39 34.30
C SER B 144 -0.95 -0.34 33.28
N TRP B 145 -1.43 -1.52 32.89
CA TRP B 145 -2.53 -1.60 31.94
C TRP B 145 -3.79 -0.93 32.48
N GLU B 146 -4.05 -1.06 33.78
CA GLU B 146 -5.22 -0.42 34.37
C GLU B 146 -5.10 1.09 34.31
N GLU B 147 -3.90 1.63 34.56
CA GLU B 147 -3.69 3.07 34.45
C GLU B 147 -3.90 3.54 33.02
N LEU B 148 -3.46 2.75 32.04
CA LEU B 148 -3.65 3.12 30.64
C LEU B 148 -5.13 3.12 30.27
N GLU B 150 -7.66 3.59 32.37
CA GLU B 150 -8.22 4.76 33.03
C GLU B 150 -7.94 6.03 32.22
N ALA B 151 -6.71 6.19 31.76
CA ALA B 151 -6.37 7.36 30.96
C ALA B 151 -7.18 7.40 29.67
N ALA B 152 -7.39 6.24 29.03
CA ALA B 152 -8.21 6.20 27.84
C ALA B 152 -9.66 6.57 28.14
N ALA B 153 -10.17 6.17 29.31
CA ALA B 153 -11.51 6.58 29.69
C ALA B 153 -11.59 8.09 29.89
N VAL B 154 -10.57 8.69 30.51
CA VAL B 154 -10.53 10.13 30.67
C VAL B 154 -10.49 10.82 29.31
N VAL B 155 -9.70 10.29 28.39
CA VAL B 155 -9.58 10.90 27.07
C VAL B 155 -10.90 10.82 26.32
N THR B 156 -11.58 9.67 26.38
CA THR B 156 -12.88 9.58 25.73
C THR B 156 -13.91 10.48 26.39
N LYS B 157 -13.82 10.67 27.70
CA LYS B 157 -14.70 11.61 28.38
C LYS B 157 -14.42 13.05 27.94
N ARG B 158 -13.17 13.36 27.57
CA ARG B 158 -12.86 14.68 27.06
C ARG B 158 -13.28 14.85 25.61
N THR B 160 -15.66 12.94 23.68
CA THR B 160 -17.07 12.76 23.40
C THR B 160 -17.99 12.98 24.60
N GLY B 161 -17.44 13.29 25.76
CA GLY B 161 -18.27 13.53 26.93
C GLY B 161 -18.92 12.30 27.52
N GLU B 162 -18.49 11.10 27.14
CA GLU B 162 -19.08 9.86 27.62
C GLU B 162 -18.36 9.38 28.88
N ASP B 163 -19.13 9.04 29.90
CA ASP B 163 -18.59 8.47 31.14
C ASP B 163 -18.55 6.96 30.98
N ILE B 164 -17.34 6.40 30.94
CA ILE B 164 -17.14 4.98 30.69
C ILE B 164 -16.06 4.47 31.64
N THR B 165 -16.27 3.25 32.15
CA THR B 165 -15.32 2.61 33.05
C THR B 165 -14.22 1.92 32.27
N PRO B 166 -13.04 1.74 32.87
CA PRO B 166 -11.92 1.13 32.13
C PRO B 166 -12.22 -0.26 31.59
N GLN B 167 -12.98 -1.09 32.32
CA GLN B 167 -13.30 -2.42 31.84
C GLN B 167 -14.17 -2.37 30.59
N GLU B 168 -15.17 -1.49 30.59
CA GLU B 168 -16.00 -1.30 29.40
C GLU B 168 -15.15 -0.86 28.21
N TYR B 169 -14.14 -0.03 28.46
CA TYR B 169 -13.26 0.40 27.39
C TYR B 169 -12.41 -0.75 26.87
N GLU B 170 -11.92 -1.61 27.76
CA GLU B 170 -11.16 -2.78 27.34
C GLU B 170 -12.01 -3.69 26.47
N GLU B 171 -13.25 -3.97 26.90
CA GLU B 171 -14.15 -4.77 26.07
C GLU B 171 -14.40 -4.10 24.73
N ARG B 172 -14.57 -2.78 24.74
CA ARG B 172 -14.85 -2.05 23.51
C ARG B 172 -13.70 -2.17 22.52
N ILE B 173 -12.46 -1.96 22.98
CA ILE B 173 -11.32 -2.10 22.08
C ILE B 173 -11.05 -3.56 21.71
N LYS B 174 -11.58 -4.51 22.50
CA LYS B 174 -11.53 -5.90 22.07
C LYS B 174 -12.52 -6.16 20.93
N LYS B 175 -13.64 -5.43 20.89
CA LYS B 175 -14.63 -5.62 19.86
C LYS B 175 -14.41 -4.75 18.63
N THR B 176 -13.59 -3.71 18.71
CA THR B 176 -13.41 -2.75 17.63
C THR B 176 -12.18 -3.09 16.81
N THR B 177 -12.33 -3.06 15.49
CA THR B 177 -11.19 -3.27 14.60
C THR B 177 -10.40 -1.98 14.42
N PHE B 178 -9.21 -2.12 13.83
CA PHE B 178 -8.36 -0.96 13.58
C PHE B 178 -9.03 0.02 12.62
N GLY B 179 -9.51 -0.49 11.48
CA GLY B 179 -10.10 0.38 10.48
C GLY B 179 -11.32 1.12 10.98
N LYS B 180 -12.16 0.44 11.78
CA LYS B 180 -13.35 1.09 12.32
C LYS B 180 -12.97 2.19 13.31
N ALA B 181 -11.90 1.98 14.09
CA ALA B 181 -11.44 3.04 14.99
C ALA B 181 -10.88 4.23 14.22
N ILE B 182 -10.12 3.96 13.16
CA ILE B 182 -9.64 5.03 12.29
C ILE B 182 -10.81 5.81 11.71
N TRP B 183 -11.86 5.10 11.29
CA TRP B 183 -13.03 5.78 10.73
C TRP B 183 -13.74 6.61 11.80
N ALA B 184 -13.78 6.11 13.04
CA ALA B 184 -14.46 6.83 14.10
C ALA B 184 -13.69 8.10 14.49
N CYS B 185 -12.37 8.03 14.54
CA CYS B 185 -11.57 9.21 14.90
C CYS B 185 -11.55 10.25 13.79
N GLY B 186 -11.91 9.88 12.57
CA GLY B 186 -11.88 10.80 11.46
C GLY B 186 -10.57 10.85 10.72
N GLY B 187 -9.84 9.74 10.63
CA GLY B 187 -8.58 9.72 9.94
C GLY B 187 -7.46 9.10 10.76
N LEU B 188 -6.44 8.60 10.08
CA LEU B 188 -5.31 7.96 10.76
C LEU B 188 -4.54 8.97 11.60
N GLU B 189 -4.48 10.23 11.15
CA GLU B 189 -3.75 11.25 11.91
C GLU B 189 -4.40 11.50 13.27
N LYS B 190 -5.72 11.72 13.28
CA LYS B 190 -6.41 12.01 14.53
C LYS B 190 -6.41 10.80 15.47
N PHE B 191 -6.39 9.59 14.91
CA PHE B 191 -6.23 8.39 15.75
C PHE B 191 -4.86 8.36 16.39
N PHE B 192 -3.81 8.56 15.59
CA PHE B 192 -2.43 8.61 16.08
C PHE B 192 -2.30 9.63 17.21
N VAL B 193 -2.75 10.86 16.98
CA VAL B 193 -2.68 11.90 17.99
C VAL B 193 -3.54 11.55 19.19
N GLY B 194 -4.65 10.85 18.98
CA GLY B 194 -5.44 10.39 20.11
C GLY B 194 -4.66 9.44 21.01
N LEU B 195 -3.94 8.50 20.41
CA LEU B 195 -3.07 7.62 21.19
C LEU B 195 -2.01 8.42 21.93
N ILE B 196 -1.42 9.42 21.27
CA ILE B 196 -0.45 10.28 21.93
C ILE B 196 -1.06 10.93 23.17
N GLU B 197 -2.27 11.46 23.03
CA GLU B 197 -2.94 12.12 24.15
C GLU B 197 -3.21 11.14 25.28
N ILE B 198 -3.61 9.91 24.93
CA ILE B 198 -3.88 8.91 25.96
C ILE B 198 -2.61 8.62 26.76
N GLY B 199 -1.50 8.35 26.05
CA GLY B 199 -0.25 8.12 26.74
C GLY B 199 0.18 9.28 27.62
N VAL B 201 -1.75 11.65 29.05
CA VAL B 201 -2.60 11.72 30.22
C VAL B 201 -2.21 10.64 31.23
N ALA B 202 -1.87 9.45 30.74
CA ALA B 202 -1.44 8.38 31.63
C ALA B 202 -0.19 8.78 32.40
N LEU B 203 0.86 9.23 31.69
CA LEU B 203 2.11 9.59 32.34
C LEU B 203 1.92 10.76 33.31
N ALA B 204 1.06 11.71 32.94
CA ALA B 204 0.79 12.85 33.82
C ALA B 204 0.10 12.40 35.10
N ARG B 205 -0.92 11.53 34.98
CA ARG B 205 -1.59 11.00 36.16
C ARG B 205 -0.62 10.21 37.04
N LYS B 206 0.35 9.52 36.43
CA LYS B 206 1.34 8.80 37.23
C LYS B 206 2.26 9.78 37.94
N LEU B 207 2.60 10.90 37.30
CA LEU B 207 3.45 11.89 37.95
C LEU B 207 2.72 12.64 39.05
N ALA B 208 1.39 12.70 38.98
CA ALA B 208 0.64 13.46 39.98
C ALA B 208 0.71 12.82 41.36
N LYS B 209 0.92 11.51 41.43
CA LYS B 209 1.02 10.79 42.71
C LYS B 209 2.43 10.86 43.28
N ARG B 210 3.41 10.29 42.57
CA ARG B 210 4.79 10.28 43.04
C ARG B 210 5.38 11.69 43.09
#